data_5T51
#
_entry.id   5T51
#
_cell.length_a   82.630
_cell.length_b   82.630
_cell.length_c   62.470
_cell.angle_alpha   90.00
_cell.angle_beta   90.00
_cell.angle_gamma   120.00
#
_symmetry.space_group_name_H-M   'P 62'
#
loop_
_entity.id
_entity.type
_entity.pdbx_description
1 polymer KLLA0F02343p
2 polymer KLLA0E05809p
3 non-polymer 'SULFATE ION'
4 water water
#
loop_
_entity_poly.entity_id
_entity_poly.type
_entity_poly.pdbx_seq_one_letter_code
_entity_poly.pdbx_strand_id
1 'polypeptide(L)'
;MTTPTMQSTSLLTEHLGYPPISLVDDIINAVNEIMYKCTNAMEKYLMQRNIIGKKDFSDEIKIGTAKLESLLENSVDKNF
DKLELYVLRNILSIPSDLLEENRFRLLHHEKLVLTDSATR
;
A
2 'polypeptide(L)'
;MSVDRYSGMEGTEHIRFQRLVQVCNKALEESIRKLQSWEKIHECFPNYGQTREGIENLTVCQQQVIKLWSNLSRVEFDAI
FHERSIEEKLNQLDDLINKARS
;
B
#
loop_
_chem_comp.id
_chem_comp.type
_chem_comp.name
_chem_comp.formula
SO4 non-polymer 'SULFATE ION' 'O4 S -2'
#
# COMPACT_ATOMS: atom_id res chain seq x y z
N THR A 3 -13.22 -3.06 -23.35
CA THR A 3 -13.21 -1.67 -22.92
C THR A 3 -14.56 -1.36 -22.24
N PRO A 4 -14.52 -0.62 -21.13
CA PRO A 4 -15.62 -0.71 -20.15
C PRO A 4 -16.97 -0.26 -20.68
N THR A 5 -18.01 -0.96 -20.25
CA THR A 5 -19.40 -0.58 -20.46
C THR A 5 -20.17 -0.92 -19.19
N MET A 6 -21.39 -0.38 -19.10
CA MET A 6 -22.28 -0.81 -18.02
C MET A 6 -22.66 -2.27 -18.17
N GLN A 7 -22.66 -2.78 -19.40
CA GLN A 7 -22.96 -4.19 -19.63
C GLN A 7 -21.91 -5.10 -19.02
N SER A 8 -20.63 -4.86 -19.35
CA SER A 8 -19.57 -5.73 -18.87
C SER A 8 -19.40 -5.63 -17.36
N THR A 9 -19.49 -4.42 -16.81
CA THR A 9 -19.32 -4.24 -15.37
C THR A 9 -20.47 -4.90 -14.61
N SER A 10 -21.70 -4.75 -15.11
CA SER A 10 -22.84 -5.38 -14.47
C SER A 10 -22.70 -6.89 -14.45
N LEU A 11 -22.19 -7.47 -15.56
CA LEU A 11 -22.00 -8.91 -15.60
C LEU A 11 -20.91 -9.35 -14.65
N LEU A 12 -19.79 -8.60 -14.60
CA LEU A 12 -18.74 -8.94 -13.65
C LEU A 12 -19.23 -8.80 -12.22
N THR A 13 -20.14 -7.85 -11.96
CA THR A 13 -20.74 -7.72 -10.65
C THR A 13 -21.53 -8.97 -10.27
N GLU A 14 -22.34 -9.49 -11.21
CA GLU A 14 -23.08 -10.71 -10.96
C GLU A 14 -22.15 -11.87 -10.65
N HIS A 15 -21.03 -11.95 -11.36
CA HIS A 15 -20.08 -13.04 -11.15
C HIS A 15 -19.37 -12.92 -9.81
N LEU A 16 -18.98 -11.70 -9.44
CA LEU A 16 -18.18 -11.51 -8.22
C LEU A 16 -19.04 -11.60 -6.97
N GLY A 17 -20.27 -11.11 -7.03
CA GLY A 17 -21.06 -10.88 -5.83
C GLY A 17 -21.00 -9.47 -5.31
N TYR A 18 -20.35 -8.55 -6.03
CA TYR A 18 -20.16 -7.19 -5.59
C TYR A 18 -19.62 -6.38 -6.77
N PRO A 19 -19.75 -5.06 -6.74
CA PRO A 19 -19.16 -4.23 -7.80
C PRO A 19 -17.65 -4.36 -7.82
N PRO A 20 -17.02 -4.38 -9.00
CA PRO A 20 -15.56 -4.50 -9.05
C PRO A 20 -14.83 -3.45 -8.21
N ILE A 21 -15.33 -2.22 -8.18
CA ILE A 21 -14.60 -1.15 -7.51
C ILE A 21 -14.60 -1.33 -6.00
N SER A 22 -15.51 -2.13 -5.46
CA SER A 22 -15.50 -2.39 -4.02
C SER A 22 -14.22 -3.09 -3.59
N LEU A 23 -13.65 -3.93 -4.46
CA LEU A 23 -12.38 -4.57 -4.14
C LEU A 23 -11.25 -3.55 -4.11
N VAL A 24 -11.16 -2.72 -5.14
CA VAL A 24 -10.13 -1.68 -5.18
C VAL A 24 -10.28 -0.74 -3.99
N ASP A 25 -11.52 -0.40 -3.63
CA ASP A 25 -11.76 0.48 -2.49
C ASP A 25 -11.23 -0.14 -1.21
N ASP A 26 -11.55 -1.42 -0.97
CA ASP A 26 -11.04 -2.11 0.21
C ASP A 26 -9.52 -2.05 0.27
N ILE A 27 -8.86 -2.32 -0.85
CA ILE A 27 -7.41 -2.26 -0.91
C ILE A 27 -6.93 -0.86 -0.52
N ILE A 28 -7.41 0.16 -1.24
CA ILE A 28 -6.93 1.52 -1.02
C ILE A 28 -7.26 1.98 0.39
N ASN A 29 -8.47 1.68 0.87
CA ASN A 29 -8.83 2.05 2.24
C ASN A 29 -7.92 1.36 3.25
N ALA A 30 -7.52 0.12 2.96
CA ALA A 30 -6.65 -0.62 3.88
C ALA A 30 -5.27 0.01 3.95
N VAL A 31 -4.69 0.36 2.79
CA VAL A 31 -3.33 0.87 2.79
C VAL A 31 -3.26 2.27 3.39
N ASN A 32 -4.34 3.05 3.25
CA ASN A 32 -4.35 4.38 3.85
C ASN A 32 -4.46 4.30 5.37
N GLU A 33 -5.18 3.31 5.90
CA GLU A 33 -5.21 3.09 7.34
C GLU A 33 -3.84 2.67 7.84
N ILE A 34 -3.19 1.74 7.14
CA ILE A 34 -1.86 1.28 7.53
C ILE A 34 -0.86 2.43 7.47
N MET A 35 -0.98 3.28 6.44
CA MET A 35 -0.06 4.41 6.31
C MET A 35 -0.07 5.26 7.57
N TYR A 36 -1.26 5.62 8.05
CA TYR A 36 -1.36 6.50 9.21
C TYR A 36 -1.03 5.79 10.52
N LYS A 37 -1.15 4.46 10.57
CA LYS A 37 -0.61 3.71 11.69
C LYS A 37 0.92 3.83 11.72
N CYS A 38 1.55 3.83 10.56
CA CYS A 38 3.01 3.82 10.48
C CYS A 38 3.58 5.19 10.84
N THR A 39 3.02 6.26 10.27
CA THR A 39 3.48 7.60 10.63
C THR A 39 3.19 7.90 12.09
N ASN A 40 2.10 7.35 12.63
CA ASN A 40 1.79 7.54 14.04
C ASN A 40 2.78 6.78 14.92
N ALA A 41 3.14 5.56 14.53
CA ALA A 41 4.12 4.81 15.30
C ALA A 41 5.50 5.47 15.25
N MET A 42 5.83 6.08 14.11
CA MET A 42 7.13 6.74 13.98
C MET A 42 7.25 7.91 14.95
N GLU A 43 6.22 8.77 14.99
CA GLU A 43 6.25 9.92 15.89
C GLU A 43 6.23 9.46 17.35
N LYS A 44 5.51 8.38 17.64
CA LYS A 44 5.51 7.84 19.00
C LYS A 44 6.87 7.28 19.39
N TYR A 45 7.51 6.54 18.47
CA TYR A 45 8.83 6.00 18.75
C TYR A 45 9.84 7.12 19.02
N LEU A 46 9.84 8.15 18.17
CA LEU A 46 10.84 9.20 18.29
C LEU A 46 10.57 10.11 19.47
N MET A 47 9.31 10.42 19.75
CA MET A 47 8.99 11.30 20.87
C MET A 47 9.40 10.66 22.20
N GLN A 48 9.23 9.34 22.33
CA GLN A 48 9.76 8.66 23.51
C GLN A 48 11.25 8.92 23.66
N ARG A 49 11.94 9.21 22.55
CA ARG A 49 13.38 9.41 22.54
C ARG A 49 13.71 10.81 22.03
N ASN A 50 13.01 11.82 22.57
CA ASN A 50 13.07 13.18 22.05
C ASN A 50 14.22 13.99 22.66
N ILE A 51 14.82 13.53 23.74
CA ILE A 51 15.94 14.22 24.38
C ILE A 51 17.17 13.35 24.21
N ILE A 52 18.24 13.95 23.69
CA ILE A 52 19.52 13.27 23.51
C ILE A 52 20.63 14.22 23.90
N GLY A 53 21.48 13.80 24.82
CA GLY A 53 22.45 14.69 25.43
C GLY A 53 21.76 15.68 26.35
N LYS A 54 21.49 16.89 25.84
CA LYS A 54 20.78 17.89 26.62
C LYS A 54 19.74 18.67 25.82
N LYS A 55 19.73 18.57 24.50
CA LYS A 55 18.78 19.31 23.68
C LYS A 55 17.46 18.55 23.55
N ASP A 56 16.40 19.30 23.34
CA ASP A 56 15.04 18.76 23.23
C ASP A 56 14.59 18.89 21.78
N PHE A 57 14.48 17.76 21.09
CA PHE A 57 14.09 17.73 19.69
C PHE A 57 12.59 17.49 19.49
N SER A 58 11.80 17.62 20.54
CA SER A 58 10.36 17.39 20.44
C SER A 58 9.76 18.18 19.27
N ASP A 59 10.28 19.38 19.03
CA ASP A 59 9.76 20.21 17.94
C ASP A 59 10.09 19.61 16.58
N GLU A 60 11.39 19.40 16.32
CA GLU A 60 11.82 18.87 15.03
C GLU A 60 11.16 17.54 14.71
N ILE A 61 10.84 16.75 15.74
CA ILE A 61 10.25 15.43 15.51
C ILE A 61 8.85 15.57 14.91
N LYS A 62 8.01 16.40 15.51
CA LYS A 62 6.63 16.50 15.06
C LYS A 62 6.53 17.06 13.64
N ILE A 63 7.31 18.10 13.34
CA ILE A 63 7.28 18.65 11.98
C ILE A 63 7.96 17.70 11.01
N GLY A 64 9.03 17.02 11.45
CA GLY A 64 9.71 16.10 10.57
C GLY A 64 8.86 14.90 10.21
N THR A 65 8.08 14.37 11.16
CA THR A 65 7.18 13.28 10.86
C THR A 65 6.02 13.74 9.99
N ALA A 66 5.58 14.99 10.17
CA ALA A 66 4.51 15.53 9.33
C ALA A 66 4.96 15.66 7.88
N LYS A 67 6.25 15.91 7.65
CA LYS A 67 6.75 16.01 6.28
C LYS A 67 6.86 14.64 5.64
N LEU A 68 7.25 13.62 6.42
CA LEU A 68 7.35 12.27 5.86
C LEU A 68 5.96 11.71 5.56
N GLU A 69 4.98 12.00 6.41
CA GLU A 69 3.61 11.59 6.14
C GLU A 69 3.12 12.16 4.81
N SER A 70 3.40 13.44 4.56
CA SER A 70 3.00 14.05 3.30
C SER A 70 3.69 13.39 2.12
N LEU A 71 4.95 12.99 2.29
CA LEU A 71 5.65 12.27 1.23
C LEU A 71 5.04 10.89 0.99
N LEU A 72 4.62 10.21 2.06
CA LEU A 72 4.01 8.90 1.90
C LEU A 72 2.62 9.00 1.28
N GLU A 73 1.84 10.00 1.69
CA GLU A 73 0.54 10.23 1.06
C GLU A 73 0.69 10.36 -0.46
N ASN A 74 1.73 11.08 -0.91
CA ASN A 74 1.92 11.29 -2.34
C ASN A 74 2.36 10.02 -3.03
N SER A 75 3.27 9.25 -2.41
CA SER A 75 3.69 7.98 -2.99
C SER A 75 2.52 7.00 -3.04
N VAL A 76 1.83 6.83 -1.91
CA VAL A 76 0.66 5.96 -1.88
C VAL A 76 -0.35 6.37 -2.93
N ASP A 77 -0.66 7.67 -3.00
CA ASP A 77 -1.62 8.15 -3.98
C ASP A 77 -1.16 7.83 -5.39
N LYS A 78 0.13 8.06 -5.68
CA LYS A 78 0.64 7.83 -7.03
C LYS A 78 0.59 6.35 -7.40
N ASN A 79 1.08 5.49 -6.50
CA ASN A 79 1.27 4.09 -6.85
C ASN A 79 -0.04 3.34 -6.92
N PHE A 80 -0.98 3.63 -6.01
CA PHE A 80 -2.23 2.90 -6.01
C PHE A 80 -3.25 3.48 -6.98
N ASP A 81 -3.04 4.72 -7.46
CA ASP A 81 -3.77 5.17 -8.64
C ASP A 81 -3.38 4.33 -9.85
N LYS A 82 -2.10 4.03 -10.00
CA LYS A 82 -1.66 3.11 -11.04
C LYS A 82 -2.26 1.73 -10.83
N LEU A 83 -2.22 1.23 -9.60
CA LEU A 83 -2.81 -0.07 -9.29
C LEU A 83 -4.28 -0.10 -9.70
N GLU A 84 -5.03 0.92 -9.32
CA GLU A 84 -6.46 0.98 -9.67
C GLU A 84 -6.66 0.82 -11.17
N LEU A 85 -5.93 1.60 -11.97
CA LEU A 85 -6.04 1.52 -13.42
C LEU A 85 -5.73 0.11 -13.92
N TYR A 86 -4.55 -0.40 -13.56
CA TYR A 86 -4.14 -1.73 -14.02
C TYR A 86 -5.19 -2.78 -13.67
N VAL A 87 -5.63 -2.80 -12.42
CA VAL A 87 -6.58 -3.83 -11.98
C VAL A 87 -7.85 -3.77 -12.83
N LEU A 88 -8.40 -2.58 -13.03
CA LEU A 88 -9.65 -2.45 -13.77
C LEU A 88 -9.47 -2.72 -15.26
N ARG A 89 -8.24 -2.70 -15.77
CA ARG A 89 -7.98 -2.92 -17.18
C ARG A 89 -7.53 -4.33 -17.49
N ASN A 90 -6.81 -4.99 -16.58
CA ASN A 90 -6.16 -6.26 -16.85
C ASN A 90 -6.62 -7.40 -15.96
N ILE A 91 -7.41 -7.13 -14.92
CA ILE A 91 -7.80 -8.16 -13.96
C ILE A 91 -9.32 -8.19 -13.85
N LEU A 92 -9.91 -7.10 -13.39
CA LEU A 92 -11.36 -6.98 -13.28
C LEU A 92 -11.95 -6.41 -14.58
N SER A 93 -11.78 -7.18 -15.65
CA SER A 93 -12.23 -6.76 -16.97
C SER A 93 -12.53 -7.98 -17.83
N ILE A 94 -13.48 -7.83 -18.72
CA ILE A 94 -13.89 -8.87 -19.67
C ILE A 94 -13.38 -8.47 -21.04
N PRO A 95 -12.56 -9.29 -21.71
CA PRO A 95 -12.11 -8.94 -23.07
C PRO A 95 -13.27 -8.68 -24.02
N SER A 96 -12.96 -8.30 -25.26
CA SER A 96 -13.97 -7.89 -26.23
C SER A 96 -14.77 -9.06 -26.80
N ASP A 97 -14.49 -10.30 -26.37
CA ASP A 97 -15.22 -11.44 -26.93
C ASP A 97 -16.72 -11.32 -26.65
N LEU A 98 -17.08 -10.97 -25.41
CA LEU A 98 -18.48 -10.85 -24.98
C LEU A 98 -19.44 -11.74 -25.76
N GLU B 13 -2.44 -21.42 -16.92
CA GLU B 13 -3.74 -21.07 -17.48
C GLU B 13 -4.42 -20.01 -16.61
N HIS B 14 -4.25 -20.13 -15.30
CA HIS B 14 -4.75 -19.13 -14.36
C HIS B 14 -3.68 -18.05 -14.17
N ILE B 15 -4.03 -16.81 -14.46
CA ILE B 15 -3.07 -15.71 -14.37
C ILE B 15 -3.60 -14.49 -13.62
N ARG B 16 -4.91 -14.33 -13.48
CA ARG B 16 -5.44 -13.04 -13.02
C ARG B 16 -5.20 -12.83 -11.53
N PHE B 17 -5.51 -13.82 -10.69
CA PHE B 17 -5.23 -13.67 -9.28
C PHE B 17 -3.76 -13.44 -9.03
N GLN B 18 -2.90 -14.05 -9.85
CA GLN B 18 -1.46 -13.86 -9.69
C GLN B 18 -1.04 -12.46 -10.08
N ARG B 19 -1.63 -11.91 -11.16
CA ARG B 19 -1.41 -10.51 -11.47
C ARG B 19 -1.80 -9.63 -10.29
N LEU B 20 -2.91 -9.95 -9.64
CA LEU B 20 -3.40 -9.13 -8.55
C LEU B 20 -2.44 -9.17 -7.36
N VAL B 21 -2.02 -10.37 -6.97
CA VAL B 21 -1.08 -10.49 -5.85
C VAL B 21 0.21 -9.77 -6.16
N GLN B 22 0.66 -9.83 -7.41
CA GLN B 22 1.96 -9.26 -7.77
C GLN B 22 1.92 -7.74 -7.78
N VAL B 23 0.89 -7.15 -8.40
CA VAL B 23 0.85 -5.69 -8.49
C VAL B 23 0.54 -5.07 -7.14
N CYS B 24 -0.30 -5.72 -6.33
CA CYS B 24 -0.53 -5.24 -4.97
C CYS B 24 0.79 -5.20 -4.20
N ASN B 25 1.54 -6.30 -4.25
CA ASN B 25 2.85 -6.34 -3.59
C ASN B 25 3.78 -5.29 -4.18
N LYS B 26 3.78 -5.14 -5.51
CA LYS B 26 4.57 -4.11 -6.16
C LYS B 26 4.19 -2.73 -5.65
N ALA B 27 2.89 -2.42 -5.66
CA ALA B 27 2.44 -1.09 -5.25
C ALA B 27 2.85 -0.79 -3.81
N LEU B 28 2.81 -1.79 -2.94
CA LEU B 28 3.20 -1.58 -1.55
C LEU B 28 4.68 -1.24 -1.43
N GLU B 29 5.54 -2.01 -2.11
CA GLU B 29 6.97 -1.77 -2.01
C GLU B 29 7.35 -0.41 -2.59
N GLU B 30 6.70 -0.01 -3.69
CA GLU B 30 6.99 1.28 -4.29
C GLU B 30 6.58 2.44 -3.40
N SER B 31 5.51 2.26 -2.62
CA SER B 31 4.97 3.39 -1.85
C SER B 31 5.86 3.78 -0.68
N ILE B 32 6.64 2.85 -0.14
CA ILE B 32 7.53 3.13 0.99
C ILE B 32 8.96 3.39 0.53
N ARG B 33 9.19 3.59 -0.77
CA ARG B 33 10.55 3.82 -1.24
C ARG B 33 11.19 5.01 -0.54
N LYS B 34 10.53 6.17 -0.57
CA LYS B 34 11.10 7.36 0.03
C LYS B 34 11.21 7.27 1.55
N LEU B 35 10.67 6.22 2.16
CA LEU B 35 10.91 5.95 3.57
C LEU B 35 12.12 5.04 3.77
N GLN B 36 12.51 4.29 2.76
CA GLN B 36 13.71 3.46 2.83
C GLN B 36 14.98 4.26 2.58
N SER B 37 14.88 5.43 1.96
CA SER B 37 16.05 6.25 1.66
C SER B 37 16.50 6.94 2.94
N TRP B 38 17.70 6.59 3.41
CA TRP B 38 18.26 7.23 4.59
C TRP B 38 18.51 8.72 4.39
N GLU B 39 18.42 9.22 3.16
CA GLU B 39 18.63 10.64 2.89
C GLU B 39 17.35 11.45 3.15
N LYS B 40 16.19 10.91 2.76
CA LYS B 40 14.93 11.59 3.09
C LYS B 40 14.70 11.61 4.59
N ILE B 41 14.94 10.48 5.26
CA ILE B 41 14.83 10.43 6.72
C ILE B 41 15.90 11.27 7.40
N HIS B 42 16.93 11.70 6.68
CA HIS B 42 17.94 12.57 7.26
C HIS B 42 17.63 14.06 7.09
N GLU B 43 16.74 14.42 6.16
CA GLU B 43 16.40 15.82 5.94
C GLU B 43 15.07 16.22 6.56
N CYS B 44 14.21 15.25 6.91
CA CYS B 44 13.06 15.55 7.77
C CYS B 44 13.48 15.74 9.22
N PHE B 45 14.65 15.23 9.60
CA PHE B 45 15.19 15.36 10.95
C PHE B 45 16.65 15.80 10.83
N PRO B 46 16.89 17.05 10.42
CA PRO B 46 18.28 17.48 10.16
C PRO B 46 19.14 17.49 11.41
N ASN B 47 18.69 18.18 12.46
CA ASN B 47 19.48 18.28 13.68
C ASN B 47 19.53 16.94 14.42
N TYR B 48 18.37 16.27 14.53
CA TYR B 48 18.35 14.96 15.16
C TYR B 48 19.34 14.01 14.52
N GLY B 49 19.61 14.20 13.22
CA GLY B 49 20.60 13.37 12.56
C GLY B 49 22.02 13.64 13.06
N GLN B 50 22.41 14.91 13.11
CA GLN B 50 23.78 15.25 13.50
C GLN B 50 24.18 14.59 14.81
N THR B 51 23.22 14.29 15.68
CA THR B 51 23.53 13.65 16.95
C THR B 51 23.90 12.19 16.74
N ARG B 52 24.85 11.71 17.55
CA ARG B 52 25.32 10.34 17.41
C ARG B 52 24.21 9.32 17.62
N GLU B 53 23.51 9.41 18.75
CA GLU B 53 22.46 8.45 19.05
C GLU B 53 21.15 8.75 18.33
N GLY B 54 20.94 10.00 17.93
CA GLY B 54 19.80 10.30 17.08
C GLY B 54 19.84 9.55 15.77
N ILE B 55 21.04 9.34 15.22
CA ILE B 55 21.20 8.46 14.07
C ILE B 55 20.72 7.06 14.42
N GLU B 56 21.23 6.52 15.53
CA GLU B 56 20.88 5.16 15.92
C GLU B 56 19.37 5.02 16.14
N ASN B 57 18.73 6.06 16.68
CA ASN B 57 17.29 6.01 16.88
C ASN B 57 16.54 6.06 15.55
N LEU B 58 16.98 6.94 14.64
CA LEU B 58 16.32 7.05 13.34
C LEU B 58 16.41 5.76 12.56
N THR B 59 17.59 5.12 12.55
CA THR B 59 17.76 3.91 11.74
C THR B 59 16.94 2.75 12.28
N VAL B 60 16.87 2.60 13.60
CA VAL B 60 16.02 1.56 14.17
C VAL B 60 14.56 1.92 13.98
N CYS B 61 14.25 3.22 13.90
CA CYS B 61 12.86 3.63 13.70
C CYS B 61 12.35 3.27 12.32
N GLN B 62 13.17 3.49 11.28
CA GLN B 62 12.72 3.15 9.93
C GLN B 62 12.60 1.63 9.77
N GLN B 63 13.50 0.87 10.41
CA GLN B 63 13.39 -0.58 10.37
C GLN B 63 12.05 -1.04 10.95
N GLN B 64 11.67 -0.49 12.10
CA GLN B 64 10.43 -0.92 12.75
C GLN B 64 9.20 -0.44 12.00
N VAL B 65 9.26 0.73 11.37
CA VAL B 65 8.11 1.24 10.61
C VAL B 65 7.93 0.43 9.33
N ILE B 66 9.03 0.14 8.62
CA ILE B 66 8.95 -0.70 7.44
C ILE B 66 8.40 -2.07 7.80
N LYS B 67 8.83 -2.62 8.94
CA LYS B 67 8.30 -3.90 9.39
C LYS B 67 6.80 -3.82 9.60
N LEU B 68 6.35 -2.84 10.39
CA LEU B 68 4.93 -2.66 10.62
C LEU B 68 4.17 -2.53 9.31
N TRP B 69 4.71 -1.76 8.37
CA TRP B 69 4.07 -1.57 7.08
C TRP B 69 3.91 -2.89 6.33
N SER B 70 4.95 -3.72 6.32
CA SER B 70 4.93 -4.95 5.55
C SER B 70 3.98 -5.97 6.17
N ASN B 71 4.05 -6.14 7.50
CA ASN B 71 3.26 -7.18 8.15
C ASN B 71 1.77 -6.84 8.11
N LEU B 72 1.41 -5.58 8.36
CA LEU B 72 0.00 -5.20 8.35
C LEU B 72 -0.59 -5.30 6.94
N SER B 73 0.14 -4.80 5.94
CA SER B 73 -0.36 -4.86 4.58
C SER B 73 -0.52 -6.31 4.12
N ARG B 74 0.51 -7.14 4.38
CA ARG B 74 0.40 -8.58 4.16
C ARG B 74 -0.92 -9.13 4.66
N VAL B 75 -1.14 -9.02 5.97
CA VAL B 75 -2.27 -9.69 6.61
C VAL B 75 -3.60 -9.09 6.16
N GLU B 76 -3.65 -7.76 6.04
CA GLU B 76 -4.91 -7.11 5.69
C GLU B 76 -5.31 -7.38 4.25
N PHE B 77 -4.33 -7.46 3.33
CA PHE B 77 -4.65 -7.73 1.94
C PHE B 77 -5.13 -9.16 1.72
N ASP B 78 -4.51 -10.12 2.42
CA ASP B 78 -4.95 -11.51 2.29
C ASP B 78 -6.33 -11.71 2.91
N ALA B 79 -6.60 -11.03 4.02
CA ALA B 79 -7.95 -11.06 4.59
C ALA B 79 -8.98 -10.59 3.57
N ILE B 80 -8.69 -9.49 2.88
CA ILE B 80 -9.61 -8.97 1.87
C ILE B 80 -9.81 -9.99 0.75
N PHE B 81 -8.70 -10.58 0.28
CA PHE B 81 -8.80 -11.54 -0.82
C PHE B 81 -9.65 -12.75 -0.44
N HIS B 82 -9.58 -13.19 0.82
CA HIS B 82 -10.38 -14.32 1.27
C HIS B 82 -11.84 -13.92 1.44
N GLU B 83 -12.09 -12.79 2.10
CA GLU B 83 -13.47 -12.33 2.31
C GLU B 83 -14.24 -12.28 1.00
N ARG B 84 -13.63 -11.72 -0.04
CA ARG B 84 -14.29 -11.52 -1.31
C ARG B 84 -14.09 -12.68 -2.28
N SER B 85 -13.47 -13.77 -1.84
CA SER B 85 -13.32 -14.97 -2.66
C SER B 85 -12.73 -14.65 -4.02
N ILE B 86 -11.81 -13.68 -4.06
CA ILE B 86 -11.37 -13.14 -5.34
C ILE B 86 -10.56 -14.17 -6.13
N GLU B 87 -9.81 -15.04 -5.45
CA GLU B 87 -9.04 -16.05 -6.18
C GLU B 87 -9.95 -16.98 -6.97
N GLU B 88 -10.94 -17.56 -6.30
CA GLU B 88 -11.90 -18.42 -7.00
C GLU B 88 -12.56 -17.67 -8.16
N LYS B 89 -13.05 -16.45 -7.89
CA LYS B 89 -13.75 -15.70 -8.92
C LYS B 89 -12.85 -15.41 -10.11
N LEU B 90 -11.58 -15.07 -9.85
CA LEU B 90 -10.67 -14.79 -10.95
C LEU B 90 -10.26 -16.06 -11.68
N ASN B 91 -10.16 -17.18 -10.97
CA ASN B 91 -9.87 -18.45 -11.62
C ASN B 91 -11.02 -18.84 -12.55
N GLN B 92 -12.26 -18.64 -12.11
CA GLN B 92 -13.41 -18.97 -12.94
C GLN B 92 -13.52 -18.04 -14.14
N LEU B 93 -13.09 -16.78 -13.98
CA LEU B 93 -13.09 -15.85 -15.11
C LEU B 93 -12.01 -16.23 -16.12
N ASP B 94 -10.86 -16.71 -15.64
CA ASP B 94 -9.84 -17.23 -16.56
C ASP B 94 -10.37 -18.45 -17.31
N ASP B 95 -11.08 -19.34 -16.62
CA ASP B 95 -11.64 -20.51 -17.29
C ASP B 95 -12.64 -20.10 -18.37
N LEU B 96 -13.56 -19.19 -18.04
CA LEU B 96 -14.55 -18.74 -18.99
C LEU B 96 -13.88 -18.10 -20.21
N ILE B 97 -12.85 -17.27 -19.99
CA ILE B 97 -12.16 -16.62 -21.09
C ILE B 97 -11.46 -17.66 -21.96
N ASN B 98 -10.75 -18.60 -21.32
CA ASN B 98 -10.06 -19.63 -22.08
C ASN B 98 -11.04 -20.51 -22.84
N LYS B 99 -12.19 -20.80 -22.23
CA LYS B 99 -13.20 -21.62 -22.88
C LYS B 99 -13.78 -20.93 -24.10
N ALA B 100 -13.96 -19.61 -24.03
CA ALA B 100 -14.49 -18.86 -25.16
C ALA B 100 -13.56 -18.93 -26.37
N ARG B 101 -12.25 -18.87 -26.12
CA ARG B 101 -11.28 -18.86 -27.20
C ARG B 101 -10.92 -20.25 -27.71
N SER B 102 -11.42 -21.30 -27.08
CA SER B 102 -11.20 -22.66 -27.56
C SER B 102 -12.08 -22.96 -28.76
S SO4 C . -6.12 -11.53 -21.20
O1 SO4 C . -6.06 -11.56 -22.66
O2 SO4 C . -5.82 -12.86 -20.68
O3 SO4 C . -7.45 -11.13 -20.77
O4 SO4 C . -5.13 -10.59 -20.68
#